data_2W1N
#
_entry.id   2W1N
#
_cell.length_a   148.245
_cell.length_b   48.644
_cell.length_c   36.900
_cell.angle_alpha   90.00
_cell.angle_beta   96.19
_cell.angle_gamma   90.00
#
_symmetry.space_group_name_H-M   'C 1 2 1'
#
loop_
_entity.id
_entity.type
_entity.pdbx_description
1 polymer 'O-GLCNACASE NAGJ'
2 non-polymer 'ACETATE ION'
3 water water
#
_entity_poly.entity_id   1
_entity_poly.type   'polypeptide(L)'
_entity_poly.pdbx_seq_one_letter_code
;MVHGKLKEAAEVTGSVSLEALEEVQVGENIEVGVGIDELVNAEAFAYDFTLNYDENAFEYVEAISDDGVFVNAKKIEDGK
VRVLVSSLTGEPLPAKEVLAKVVLRAEAKTEGSNLSVTNSSVGDGEGLVHEIAGTEKTVNIIEGTSPEIVVNPVRDFKAS
EINKKNVTVTWTEPETTEGLEGYILYKDGKKVAEIGKDETSYTFKKLNRHTIYNFKIAAKYSNGEVSSKESLTLRTAR
;
_entity_poly.pdbx_strand_id   A
#
# COMPACT_ATOMS: atom_id res chain seq x y z
N ALA A 10 -0.78 10.74 -47.02
CA ALA A 10 -2.07 10.63 -46.26
C ALA A 10 -2.98 9.66 -47.00
N GLU A 11 -4.14 9.34 -46.41
CA GLU A 11 -4.53 9.95 -45.15
C GLU A 11 -3.91 9.30 -43.89
N VAL A 12 -3.99 10.03 -42.77
CA VAL A 12 -3.24 9.64 -41.58
C VAL A 12 -4.15 8.79 -40.70
N THR A 13 -3.63 7.64 -40.29
CA THR A 13 -4.37 6.80 -39.33
C THR A 13 -3.46 6.36 -38.22
N GLY A 14 -4.06 5.90 -37.14
CA GLY A 14 -3.28 5.31 -36.07
C GLY A 14 -4.12 4.85 -34.90
N SER A 15 -3.46 4.34 -33.87
CA SER A 15 -4.16 4.01 -32.64
C SER A 15 -3.25 4.01 -31.41
N VAL A 16 -3.90 4.27 -30.29
CA VAL A 16 -3.27 4.40 -29.00
C VAL A 16 -3.00 2.99 -28.45
N SER A 17 -1.94 2.89 -27.68
CA SER A 17 -1.69 1.77 -26.77
C SER A 17 -1.90 2.11 -25.28
N LEU A 18 -2.35 1.12 -24.54
CA LEU A 18 -2.66 1.25 -23.14
C LEU A 18 -2.15 -0.04 -22.53
N GLU A 19 -1.29 0.07 -21.51
CA GLU A 19 -0.76 -1.08 -20.78
C GLU A 19 -1.03 -0.86 -19.30
N ALA A 20 -1.66 -1.86 -18.66
CA ALA A 20 -1.76 -1.84 -17.20
C ALA A 20 -1.86 -3.27 -16.66
N LEU A 21 -1.65 -3.42 -15.35
CA LEU A 21 -1.80 -4.73 -14.71
C LEU A 21 -3.30 -5.02 -14.62
N GLU A 22 -3.68 -6.30 -14.63
CA GLU A 22 -5.11 -6.65 -14.74
C GLU A 22 -5.93 -6.49 -13.44
N GLU A 23 -5.21 -6.35 -12.35
CA GLU A 23 -5.82 -6.30 -11.02
C GLU A 23 -4.97 -5.41 -10.15
N VAL A 24 -5.63 -4.68 -9.26
CA VAL A 24 -4.95 -3.84 -8.29
C VAL A 24 -5.84 -3.79 -7.03
N GLN A 25 -5.24 -3.57 -5.86
CA GLN A 25 -6.00 -3.49 -4.61
C GLN A 25 -6.13 -2.07 -4.06
N VAL A 26 -7.27 -1.81 -3.41
CA VAL A 26 -7.51 -0.51 -2.80
C VAL A 26 -6.31 -0.04 -1.99
N GLY A 27 -6.01 1.26 -2.07
CA GLY A 27 -4.85 1.81 -1.41
C GLY A 27 -3.61 1.78 -2.29
N GLU A 28 -3.58 0.96 -3.31
CA GLU A 28 -2.45 0.96 -4.23
C GLU A 28 -2.60 2.00 -5.32
N ASN A 29 -1.47 2.54 -5.73
CA ASN A 29 -1.35 3.14 -7.06
C ASN A 29 -1.21 2.13 -8.23
N ILE A 30 -1.72 2.51 -9.40
CA ILE A 30 -1.45 1.77 -10.62
C ILE A 30 -0.95 2.73 -11.69
N GLU A 31 -0.01 2.24 -12.49
CA GLU A 31 0.66 3.04 -13.52
C GLU A 31 0.06 2.63 -14.86
N VAL A 32 -0.58 3.60 -15.51
CA VAL A 32 -1.21 3.37 -16.78
C VAL A 32 -0.31 3.96 -17.90
N GLY A 33 0.35 3.05 -18.61
CA GLY A 33 1.30 3.40 -19.65
C GLY A 33 0.59 3.60 -20.98
N VAL A 34 0.71 4.79 -21.51
CA VAL A 34 0.04 5.12 -22.78
C VAL A 34 1.07 5.42 -23.87
N GLY A 35 0.82 4.92 -25.07
CA GLY A 35 1.73 5.18 -26.19
C GLY A 35 0.96 5.17 -27.50
N ILE A 36 1.70 4.97 -28.57
CA ILE A 36 1.11 4.98 -29.92
C ILE A 36 1.30 3.59 -30.46
N ASP A 37 0.19 2.85 -30.60
CA ASP A 37 0.25 1.45 -31.08
C ASP A 37 0.72 1.47 -32.53
N GLU A 38 0.04 2.32 -33.32
CA GLU A 38 0.31 2.44 -34.76
C GLU A 38 0.06 3.85 -35.27
N LEU A 39 0.82 4.21 -36.31
CA LEU A 39 0.68 5.52 -36.96
C LEU A 39 1.13 5.42 -38.40
N VAL A 40 0.25 5.80 -39.31
CA VAL A 40 0.46 5.62 -40.76
C VAL A 40 0.41 6.98 -41.47
N ASN A 41 1.43 7.23 -42.29
CA ASN A 41 1.54 8.43 -43.15
C ASN A 41 1.77 9.75 -42.38
N ALA A 42 2.33 9.65 -41.18
CA ALA A 42 2.68 10.84 -40.42
C ALA A 42 3.70 10.48 -39.35
N GLU A 43 4.52 11.46 -38.98
CA GLU A 43 5.39 11.37 -37.80
C GLU A 43 4.83 12.25 -36.69
N ALA A 44 4.91 11.77 -35.45
CA ALA A 44 4.30 12.41 -34.28
C ALA A 44 5.34 13.10 -33.46
N PHE A 45 5.33 14.43 -33.51
CA PHE A 45 6.22 15.17 -32.64
C PHE A 45 5.53 15.50 -31.34
N ALA A 46 4.19 15.58 -31.38
CA ALA A 46 3.41 15.78 -30.17
C ALA A 46 2.25 14.80 -30.19
N TYR A 47 1.72 14.51 -29.02
CA TYR A 47 0.66 13.51 -28.89
C TYR A 47 -0.17 13.90 -27.71
N ASP A 48 -1.46 14.14 -27.97
CA ASP A 48 -2.38 14.52 -26.93
C ASP A 48 -3.43 13.43 -26.80
N PHE A 49 -3.80 13.14 -25.57
CA PHE A 49 -4.81 12.13 -25.32
C PHE A 49 -5.51 12.43 -24.03
N THR A 50 -6.67 11.83 -23.86
CA THR A 50 -7.47 11.93 -22.63
C THR A 50 -7.62 10.52 -22.06
N LEU A 51 -7.16 10.36 -20.84
CA LEU A 51 -7.46 9.13 -20.06
C LEU A 51 -8.75 9.27 -19.26
N ASN A 52 -9.66 8.33 -19.47
CA ASN A 52 -10.93 8.26 -18.76
C ASN A 52 -10.92 7.08 -17.78
N TYR A 53 -11.50 7.30 -16.60
CA TYR A 53 -11.60 6.26 -15.54
C TYR A 53 -12.81 6.55 -14.66
N ASP A 54 -13.28 5.53 -13.94
CA ASP A 54 -14.33 5.67 -12.98
C ASP A 54 -13.76 6.37 -11.76
N GLU A 55 -14.22 7.60 -11.54
CA GLU A 55 -13.79 8.39 -10.39
C GLU A 55 -14.17 7.79 -9.01
N ASN A 56 -15.16 6.91 -8.97
CA ASN A 56 -15.51 6.18 -7.74
C ASN A 56 -14.57 5.02 -7.48
N ALA A 57 -13.90 4.58 -8.54
CA ALA A 57 -13.02 3.43 -8.49
C ALA A 57 -11.60 3.88 -8.36
N PHE A 58 -11.23 4.96 -9.05
CA PHE A 58 -9.85 5.46 -9.11
C PHE A 58 -9.75 6.96 -8.86
N GLU A 59 -8.62 7.41 -8.32
CA GLU A 59 -8.31 8.85 -8.24
C GLU A 59 -7.00 9.15 -8.97
N TYR A 60 -6.95 10.25 -9.69
CA TYR A 60 -5.70 10.68 -10.32
C TYR A 60 -4.64 11.07 -9.28
N VAL A 61 -3.39 10.70 -9.57
CA VAL A 61 -2.26 11.08 -8.72
C VAL A 61 -1.31 12.04 -9.45
N GLU A 62 -0.72 11.55 -10.55
CA GLU A 62 0.31 12.27 -11.30
C GLU A 62 0.57 11.61 -12.65
N ALA A 63 1.28 12.32 -13.52
CA ALA A 63 1.80 11.73 -14.75
C ALA A 63 3.33 11.73 -14.74
N ILE A 64 3.91 10.72 -15.40
CA ILE A 64 5.33 10.43 -15.25
C ILE A 64 5.93 9.94 -16.55
N SER A 65 6.97 10.62 -17.02
CA SER A 65 7.66 10.22 -18.26
C SER A 65 9.19 10.22 -18.11
N ASP A 66 9.86 9.63 -19.10
CA ASP A 66 11.32 9.64 -19.28
C ASP A 66 11.85 10.98 -19.80
N ASP A 67 13.18 11.05 -19.82
CA ASP A 67 13.99 12.25 -20.08
C ASP A 67 13.60 13.03 -21.33
N GLY A 68 13.46 12.31 -22.44
CA GLY A 68 13.30 12.93 -23.75
C GLY A 68 11.85 13.11 -24.16
N VAL A 69 10.95 13.00 -23.19
CA VAL A 69 9.55 13.33 -23.37
C VAL A 69 9.13 14.38 -22.35
N PHE A 70 8.50 15.43 -22.84
CA PHE A 70 7.89 16.38 -21.93
C PHE A 70 6.38 16.07 -21.81
N VAL A 71 5.85 16.08 -20.59
CA VAL A 71 4.45 15.74 -20.34
C VAL A 71 3.75 16.85 -19.57
N ASN A 72 2.77 17.48 -20.20
CA ASN A 72 1.83 18.31 -19.46
C ASN A 72 0.55 17.54 -19.18
N ALA A 73 0.37 17.07 -17.95
CA ALA A 73 -0.86 16.37 -17.62
C ALA A 73 -1.75 17.18 -16.70
N LYS A 74 -3.02 17.34 -17.06
CA LYS A 74 -3.95 18.06 -16.17
C LYS A 74 -5.28 17.33 -16.04
N LYS A 75 -5.85 17.32 -14.84
CA LYS A 75 -7.21 16.82 -14.68
C LYS A 75 -8.31 17.77 -15.23
N ILE A 76 -9.07 17.31 -16.20
CA ILE A 76 -10.22 18.05 -16.75
C ILE A 76 -11.28 18.16 -15.66
N GLU A 77 -11.54 17.01 -15.05
CA GLU A 77 -12.53 16.79 -13.98
C GLU A 77 -12.24 15.41 -13.42
N ASP A 78 -12.73 15.07 -12.23
CA ASP A 78 -12.50 13.69 -11.74
C ASP A 78 -13.04 12.72 -12.81
N GLY A 79 -12.21 11.75 -13.18
CA GLY A 79 -12.59 10.77 -14.20
C GLY A 79 -11.91 11.00 -15.55
N LYS A 80 -11.25 12.15 -15.73
CA LYS A 80 -10.74 12.60 -17.03
C LYS A 80 -9.47 13.43 -16.88
N VAL A 81 -8.34 12.96 -17.42
CA VAL A 81 -7.05 13.65 -17.34
C VAL A 81 -6.61 13.94 -18.77
N ARG A 82 -6.33 15.23 -19.06
CA ARG A 82 -5.75 15.57 -20.37
C ARG A 82 -4.23 15.50 -20.34
N VAL A 83 -3.64 14.73 -21.27
CA VAL A 83 -2.18 14.57 -21.27
C VAL A 83 -1.62 15.03 -22.59
N LEU A 84 -0.70 16.00 -22.51
CA LEU A 84 0.01 16.55 -23.67
C LEU A 84 1.43 16.06 -23.60
N VAL A 85 1.80 15.22 -24.57
CA VAL A 85 3.15 14.65 -24.71
C VAL A 85 3.94 15.30 -25.87
N SER A 86 5.19 15.68 -25.60
CA SER A 86 6.08 16.31 -26.60
C SER A 86 7.45 15.69 -26.60
N SER A 87 7.94 15.32 -27.77
CA SER A 87 9.33 14.98 -27.93
C SER A 87 10.23 16.18 -27.56
N LEU A 88 11.32 15.89 -26.85
CA LEU A 88 12.38 16.89 -26.55
C LEU A 88 13.77 16.51 -27.17
N THR A 89 13.74 15.51 -28.04
CA THR A 89 14.95 14.91 -28.59
C THR A 89 15.35 15.52 -29.92
N GLY A 90 14.43 16.27 -30.53
CA GLY A 90 14.62 16.70 -31.94
C GLY A 90 14.10 15.67 -32.94
N GLU A 91 13.58 14.56 -32.42
CA GLU A 91 13.06 13.43 -33.21
C GLU A 91 11.57 13.17 -32.89
N PRO A 92 10.83 12.51 -33.81
CA PRO A 92 9.45 12.13 -33.47
C PRO A 92 9.38 11.19 -32.27
N LEU A 93 8.21 11.16 -31.64
CA LEU A 93 7.91 10.21 -30.58
C LEU A 93 7.90 8.83 -31.22
N PRO A 94 8.59 7.84 -30.61
CA PRO A 94 8.54 6.48 -31.15
C PRO A 94 7.24 5.75 -30.91
N ALA A 95 6.85 4.90 -31.86
CA ALA A 95 5.71 4.05 -31.68
C ALA A 95 6.15 2.78 -30.94
N LYS A 96 5.15 1.98 -30.56
CA LYS A 96 5.32 0.70 -29.85
C LYS A 96 6.12 0.85 -28.55
N GLU A 97 5.97 1.99 -27.87
CA GLU A 97 6.64 2.29 -26.58
CA GLU A 97 6.49 2.08 -26.51
C GLU A 97 5.69 3.02 -25.62
N VAL A 98 5.80 2.77 -24.32
CA VAL A 98 5.12 3.62 -23.34
C VAL A 98 5.71 5.05 -23.36
N LEU A 99 4.88 6.04 -23.62
CA LEU A 99 5.38 7.41 -23.69
C LEU A 99 5.11 8.23 -22.46
N ALA A 100 3.96 8.05 -21.84
CA ALA A 100 3.62 8.71 -20.58
C ALA A 100 2.94 7.69 -19.67
N LYS A 101 3.19 7.80 -18.36
CA LYS A 101 2.56 6.93 -17.38
C LYS A 101 1.64 7.77 -16.51
N VAL A 102 0.35 7.46 -16.49
CA VAL A 102 -0.62 8.16 -15.63
C VAL A 102 -0.81 7.26 -14.41
N VAL A 103 -0.49 7.81 -13.25
CA VAL A 103 -0.60 7.05 -12.02
C VAL A 103 -1.95 7.32 -11.34
N LEU A 104 -2.68 6.24 -11.06
CA LEU A 104 -4.01 6.32 -10.45
C LEU A 104 -3.99 5.60 -9.11
N ARG A 105 -4.77 6.10 -8.17
CA ARG A 105 -4.87 5.47 -6.85
C ARG A 105 -6.16 4.67 -6.77
N ALA A 106 -6.06 3.37 -6.52
CA ALA A 106 -7.26 2.54 -6.42
C ALA A 106 -8.03 2.90 -5.15
N GLU A 107 -9.35 3.08 -5.27
CA GLU A 107 -10.14 3.74 -4.25
C GLU A 107 -11.23 2.85 -3.66
N ALA A 108 -11.68 1.89 -4.45
CA ALA A 108 -12.78 1.04 -4.09
C ALA A 108 -12.70 -0.23 -4.89
N LYS A 109 -12.79 -1.36 -4.19
CA LYS A 109 -13.17 -2.63 -4.79
C LYS A 109 -14.16 -2.42 -5.94
N THR A 110 -13.81 -2.93 -7.11
CA THR A 110 -14.71 -2.83 -8.30
C THR A 110 -14.26 -3.84 -9.36
N GLU A 111 -15.22 -4.44 -10.04
CA GLU A 111 -14.90 -5.51 -10.97
C GLU A 111 -14.98 -4.93 -12.37
N GLY A 112 -13.96 -5.20 -13.16
CA GLY A 112 -13.94 -4.78 -14.54
C GLY A 112 -14.15 -3.30 -14.73
N SER A 113 -13.34 -2.50 -14.02
CA SER A 113 -13.41 -1.03 -14.14
C SER A 113 -12.77 -0.61 -15.48
N ASN A 114 -13.48 0.17 -16.29
CA ASN A 114 -12.92 0.53 -17.61
C ASN A 114 -11.89 1.67 -17.58
N LEU A 115 -10.80 1.49 -18.33
CA LEU A 115 -9.82 2.56 -18.57
C LEU A 115 -9.79 2.79 -20.08
N SER A 116 -10.05 4.02 -20.52
CA SER A 116 -10.09 4.26 -21.96
C SER A 116 -9.33 5.53 -22.33
N VAL A 117 -8.70 5.48 -23.48
CA VAL A 117 -8.05 6.70 -24.00
C VAL A 117 -8.97 7.17 -25.17
N THR A 118 -9.34 8.45 -25.13
CA THR A 118 -10.22 9.10 -26.14
C THR A 118 -9.60 10.45 -26.55
N ASN A 119 -10.20 11.10 -27.55
CA ASN A 119 -9.69 12.43 -28.01
C ASN A 119 -8.19 12.39 -28.30
N SER A 120 -7.74 11.32 -28.95
CA SER A 120 -6.32 11.14 -29.20
C SER A 120 -5.95 11.73 -30.57
N SER A 121 -4.80 12.40 -30.59
CA SER A 121 -4.29 12.96 -31.86
C SER A 121 -2.81 13.08 -31.77
N VAL A 122 -2.15 13.28 -32.92
CA VAL A 122 -0.74 13.58 -32.97
C VAL A 122 -0.51 14.86 -33.79
N GLY A 123 0.57 15.56 -33.47
CA GLY A 123 1.00 16.75 -34.21
C GLY A 123 2.21 16.36 -35.02
N ASP A 124 2.21 16.67 -36.32
CA ASP A 124 3.39 16.41 -37.14
C ASP A 124 4.38 17.58 -37.12
N GLY A 125 5.40 17.49 -37.98
CA GLY A 125 6.43 18.50 -38.09
C GLY A 125 5.99 19.90 -38.35
N GLU A 126 4.92 20.09 -39.14
CA GLU A 126 4.45 21.46 -39.41
C GLU A 126 3.34 21.90 -38.50
N GLY A 127 3.10 21.09 -37.47
CA GLY A 127 2.05 21.39 -36.51
C GLY A 127 0.65 21.04 -36.93
N LEU A 128 0.52 20.27 -38.00
CA LEU A 128 -0.79 19.75 -38.43
C LEU A 128 -1.16 18.59 -37.53
N VAL A 129 -2.40 18.60 -37.05
CA VAL A 129 -2.89 17.65 -36.06
C VAL A 129 -3.77 16.57 -36.76
N HIS A 130 -3.55 15.32 -36.36
CA HIS A 130 -4.15 14.16 -37.00
C HIS A 130 -4.78 13.32 -35.91
N GLU A 131 -6.10 13.13 -35.99
CA GLU A 131 -6.84 12.30 -34.99
C GLU A 131 -6.42 10.83 -35.15
N ILE A 132 -6.29 10.10 -34.05
CA ILE A 132 -5.97 8.69 -34.08
C ILE A 132 -6.93 7.93 -33.19
N ALA A 133 -7.10 6.66 -33.48
CA ALA A 133 -8.15 5.87 -32.82
C ALA A 133 -7.83 5.59 -31.33
N GLY A 134 -8.86 5.51 -30.51
CA GLY A 134 -8.64 5.28 -29.08
C GLY A 134 -8.41 3.83 -28.68
N THR A 135 -8.31 3.62 -27.37
CA THR A 135 -8.22 2.20 -26.89
C THR A 135 -8.83 2.13 -25.49
N GLU A 136 -9.19 0.90 -25.08
CA GLU A 136 -9.65 0.67 -23.71
C GLU A 136 -9.12 -0.67 -23.12
N LYS A 137 -9.23 -0.79 -21.81
CA LYS A 137 -8.83 -1.99 -21.09
C LYS A 137 -9.69 -2.01 -19.82
N THR A 138 -10.04 -3.19 -19.31
CA THR A 138 -10.67 -3.24 -17.98
C THR A 138 -9.70 -3.72 -16.92
N VAL A 139 -9.92 -3.23 -15.69
CA VAL A 139 -9.05 -3.53 -14.56
C VAL A 139 -9.96 -3.90 -13.35
N ASN A 140 -9.51 -4.90 -12.59
CA ASN A 140 -10.21 -5.35 -11.39
C ASN A 140 -9.59 -4.70 -10.17
N ILE A 141 -10.41 -4.03 -9.37
CA ILE A 141 -9.90 -3.49 -8.11
C ILE A 141 -10.42 -4.40 -6.99
N ILE A 142 -9.51 -4.82 -6.13
CA ILE A 142 -9.84 -5.71 -5.02
C ILE A 142 -9.55 -5.01 -3.69
N GLU A 143 -10.19 -5.52 -2.66
CA GLU A 143 -10.02 -4.96 -1.38
C GLU A 143 -8.66 -5.30 -0.99
N GLY A 144 -8.08 -4.42 -0.23
CA GLY A 144 -6.76 -4.63 0.20
C GLY A 144 -6.59 -5.14 1.61
N THR A 145 -7.61 -5.50 2.33
CA THR A 145 -7.77 -5.29 3.77
C THR A 145 -6.64 -5.82 4.67
N SER A 146 -6.32 -5.07 5.71
CA SER A 146 -5.25 -5.42 6.66
C SER A 146 -5.63 -6.64 7.46
N PRO A 147 -4.65 -7.41 7.93
CA PRO A 147 -5.09 -8.64 8.61
C PRO A 147 -5.75 -8.28 9.96
N GLU A 148 -6.75 -9.08 10.33
CA GLU A 148 -7.45 -8.95 11.60
C GLU A 148 -6.46 -9.11 12.76
N ILE A 149 -6.50 -8.17 13.70
CA ILE A 149 -5.73 -8.28 14.94
C ILE A 149 -6.53 -9.00 16.02
N VAL A 150 -6.10 -10.20 16.37
CA VAL A 150 -6.83 -11.03 17.31
C VAL A 150 -6.07 -11.19 18.61
N VAL A 151 -6.65 -10.69 19.69
CA VAL A 151 -5.93 -10.55 20.96
C VAL A 151 -6.04 -11.82 21.80
N ASN A 152 -4.91 -12.29 22.31
CA ASN A 152 -4.89 -13.46 23.14
C ASN A 152 -3.84 -13.31 24.27
N PRO A 153 -3.99 -14.03 25.35
CA PRO A 153 -3.11 -14.00 26.52
C PRO A 153 -1.76 -14.73 26.21
N VAL A 154 -0.74 -14.48 27.04
CA VAL A 154 0.49 -15.25 26.95
C VAL A 154 0.12 -16.67 27.41
N ARG A 155 1.02 -17.61 27.16
CA ARG A 155 0.81 -18.99 27.56
C ARG A 155 1.98 -19.45 28.44
N ASP A 156 1.78 -20.57 29.14
CA ASP A 156 2.85 -21.20 29.93
C ASP A 156 3.44 -20.22 30.98
N PHE A 157 2.62 -19.36 31.56
CA PHE A 157 3.12 -18.36 32.51
C PHE A 157 3.49 -19.09 33.82
N LYS A 158 4.73 -18.95 34.26
CA LYS A 158 5.17 -19.65 35.48
C LYS A 158 6.39 -18.94 36.07
N ALA A 159 6.68 -19.18 37.35
CA ALA A 159 7.91 -18.68 37.96
C ALA A 159 9.07 -19.66 37.72
N SER A 160 10.06 -19.22 36.95
CA SER A 160 11.15 -20.11 36.55
C SER A 160 12.18 -20.18 37.65
N GLU A 161 12.06 -19.24 38.59
CA GLU A 161 12.95 -19.16 39.74
C GLU A 161 12.26 -18.32 40.83
N ILE A 162 12.13 -18.92 42.02
CA ILE A 162 11.63 -18.20 43.18
C ILE A 162 12.79 -18.12 44.19
N ASN A 163 13.34 -16.90 44.32
CA ASN A 163 14.42 -16.64 45.27
C ASN A 163 13.90 -15.90 46.50
N LYS A 164 14.81 -15.51 47.38
CA LYS A 164 14.44 -14.82 48.62
C LYS A 164 13.96 -13.40 48.35
N LYS A 165 14.60 -12.71 47.41
CA LYS A 165 14.37 -11.28 47.23
C LYS A 165 14.00 -10.93 45.81
N ASN A 166 13.93 -11.96 44.97
CA ASN A 166 13.50 -11.79 43.58
C ASN A 166 12.78 -13.04 43.07
N VAL A 167 12.11 -12.87 41.92
CA VAL A 167 11.36 -13.93 41.26
C VAL A 167 11.43 -13.65 39.78
N THR A 168 11.86 -14.65 39.02
CA THR A 168 11.83 -14.56 37.56
C THR A 168 10.66 -15.36 37.05
N VAL A 169 9.93 -14.75 36.11
CA VAL A 169 8.79 -15.41 35.48
C VAL A 169 9.08 -15.51 33.99
N THR A 170 8.58 -16.58 33.40
CA THR A 170 8.73 -16.82 31.98
C THR A 170 7.37 -17.14 31.35
N TRP A 171 7.28 -16.94 30.04
CA TRP A 171 6.06 -17.23 29.33
C TRP A 171 6.34 -17.51 27.86
N THR A 172 5.31 -17.99 27.20
CA THR A 172 5.31 -18.26 25.80
C THR A 172 4.41 -17.19 25.13
N GLU A 173 4.76 -16.78 23.91
CA GLU A 173 3.92 -15.86 23.09
C GLU A 173 2.48 -16.28 22.97
N PRO A 174 1.55 -15.32 22.80
CA PRO A 174 0.13 -15.68 22.54
C PRO A 174 -0.13 -16.56 21.26
N GLU A 175 -1.32 -17.17 21.16
CA GLU A 175 -1.67 -18.02 20.03
C GLU A 175 -1.71 -17.21 18.74
N THR A 176 -2.13 -15.94 18.87
CA THR A 176 -2.20 -15.02 17.75
C THR A 176 -1.14 -13.96 17.89
N THR A 177 -0.33 -13.82 16.89
CA THR A 177 0.77 -12.83 16.95
C THR A 177 0.65 -11.62 16.00
N GLU A 178 -0.34 -11.63 15.14
CA GLU A 178 -0.58 -10.46 14.28
C GLU A 178 -0.73 -9.19 15.08
N GLY A 179 0.19 -8.25 14.87
CA GLY A 179 0.13 -6.98 15.53
C GLY A 179 0.45 -7.08 17.02
N LEU A 180 1.07 -8.18 17.44
CA LEU A 180 1.57 -8.26 18.83
C LEU A 180 2.73 -7.27 18.99
N GLU A 181 2.71 -6.41 20.03
CA GLU A 181 3.84 -5.49 20.26
C GLU A 181 4.69 -5.71 21.50
N GLY A 182 4.08 -6.17 22.57
CA GLY A 182 4.80 -6.33 23.83
C GLY A 182 3.87 -6.81 24.94
N TYR A 183 4.39 -6.69 26.17
CA TYR A 183 3.78 -7.25 27.35
C TYR A 183 3.80 -6.17 28.41
N ILE A 184 2.81 -6.25 29.28
CA ILE A 184 2.76 -5.41 30.47
C ILE A 184 2.74 -6.33 31.69
N LEU A 185 3.48 -5.93 32.69
CA LEU A 185 3.75 -6.72 33.86
C LEU A 185 3.22 -6.03 35.10
N TYR A 186 2.61 -6.80 35.99
CA TYR A 186 1.94 -6.22 37.14
C TYR A 186 2.41 -6.99 38.40
N LYS A 187 2.52 -6.26 39.51
CA LYS A 187 2.75 -6.88 40.82
C LYS A 187 1.70 -6.37 41.82
N ASP A 188 1.05 -7.29 42.51
CA ASP A 188 -0.03 -7.01 43.47
C ASP A 188 -1.01 -5.95 42.97
N GLY A 189 -1.49 -6.15 41.75
CA GLY A 189 -2.46 -5.29 41.14
C GLY A 189 -2.01 -3.94 40.63
N LYS A 190 -0.72 -3.71 40.50
CA LYS A 190 -0.23 -2.45 39.90
C LYS A 190 0.83 -2.70 38.79
N LYS A 191 0.75 -1.94 37.70
CA LYS A 191 1.75 -2.05 36.60
C LYS A 191 3.16 -1.73 37.08
N VAL A 192 4.13 -2.57 36.73
CA VAL A 192 5.55 -2.31 37.11
C VAL A 192 6.49 -2.17 35.90
N ALA A 193 6.04 -2.59 34.74
CA ALA A 193 6.88 -2.64 33.57
C ALA A 193 6.08 -2.88 32.27
N GLU A 194 6.57 -2.28 31.20
CA GLU A 194 6.15 -2.63 29.87
C GLU A 194 7.40 -3.02 29.10
N ILE A 195 7.33 -4.10 28.34
CA ILE A 195 8.48 -4.64 27.63
C ILE A 195 8.08 -5.07 26.21
N GLY A 196 9.11 -5.23 25.39
CA GLY A 196 8.98 -5.64 23.98
C GLY A 196 8.61 -7.08 23.82
N LYS A 197 8.00 -7.41 22.67
CA LYS A 197 7.69 -8.83 22.34
C LYS A 197 8.93 -9.77 22.18
N ASP A 198 10.12 -9.22 22.02
CA ASP A 198 11.40 -10.01 21.97
C ASP A 198 11.80 -10.60 23.35
N GLU A 199 11.20 -10.07 24.40
CA GLU A 199 11.40 -10.56 25.77
C GLU A 199 10.46 -11.73 26.20
N THR A 200 11.00 -12.72 26.92
CA THR A 200 10.28 -13.97 27.24
C THR A 200 10.33 -14.22 28.75
N SER A 201 10.90 -13.28 29.46
CA SER A 201 11.25 -13.46 30.84
C SER A 201 11.28 -12.07 31.46
N TYR A 202 10.99 -12.01 32.75
CA TYR A 202 11.03 -10.80 33.51
C TYR A 202 11.36 -11.16 34.95
N THR A 203 12.24 -10.38 35.58
CA THR A 203 12.58 -10.62 36.99
C THR A 203 12.00 -9.49 37.84
N PHE A 204 11.08 -9.81 38.77
CA PHE A 204 10.65 -8.86 39.78
C PHE A 204 11.70 -8.84 40.92
N LYS A 205 12.30 -7.67 41.08
CA LYS A 205 13.34 -7.44 42.07
C LYS A 205 12.77 -6.69 43.31
N LYS A 206 13.61 -6.53 44.34
CA LYS A 206 13.25 -5.78 45.58
C LYS A 206 12.10 -6.40 46.34
N LEU A 207 12.15 -7.72 46.46
CA LEU A 207 11.11 -8.44 47.16
C LEU A 207 11.56 -8.73 48.59
N ASN A 208 10.59 -9.01 49.43
CA ASN A 208 10.81 -9.44 50.79
C ASN A 208 10.79 -10.94 50.88
N ARG A 209 11.64 -11.47 51.74
CA ARG A 209 11.75 -12.90 52.00
C ARG A 209 10.41 -13.43 52.52
N HIS A 210 10.15 -14.71 52.28
CA HIS A 210 8.96 -15.39 52.85
C HIS A 210 7.65 -14.56 52.76
N THR A 211 7.37 -13.99 51.59
CA THR A 211 6.25 -13.07 51.39
C THR A 211 5.43 -13.49 50.15
N ILE A 212 4.10 -13.36 50.26
CA ILE A 212 3.16 -13.72 49.19
C ILE A 212 3.01 -12.53 48.24
N TYR A 213 3.18 -12.81 46.95
CA TYR A 213 2.92 -11.79 45.93
C TYR A 213 1.96 -12.28 44.86
N ASN A 214 1.24 -11.35 44.24
CA ASN A 214 0.58 -11.61 42.97
C ASN A 214 1.30 -10.94 41.77
N PHE A 215 1.57 -11.73 40.75
CA PHE A 215 2.23 -11.27 39.51
C PHE A 215 1.33 -11.51 38.35
N LYS A 216 1.19 -10.55 37.46
CA LYS A 216 0.34 -10.79 36.28
C LYS A 216 1.02 -10.24 35.03
N ILE A 217 0.60 -10.76 33.88
CA ILE A 217 1.12 -10.32 32.57
C ILE A 217 -0.03 -10.22 31.55
N ALA A 218 0.00 -9.16 30.74
CA ALA A 218 -0.88 -9.05 29.59
C ALA A 218 -0.09 -8.82 28.30
N ALA A 219 -0.65 -9.25 27.18
CA ALA A 219 -0.09 -8.95 25.88
C ALA A 219 -0.74 -7.71 25.26
N LYS A 220 0.08 -6.85 24.66
CA LYS A 220 -0.42 -5.60 24.09
C LYS A 220 -0.24 -5.56 22.57
N TYR A 221 -1.27 -5.09 21.89
CA TYR A 221 -1.36 -5.21 20.44
C TYR A 221 -1.35 -3.84 19.77
N SER A 222 -0.86 -3.80 18.54
CA SER A 222 -0.66 -2.54 17.78
C SER A 222 -1.94 -1.67 17.67
N ASN A 223 -3.10 -2.29 17.76
CA ASN A 223 -4.33 -1.48 17.78
C ASN A 223 -4.65 -0.84 19.16
N GLY A 224 -3.73 -0.99 20.13
CA GLY A 224 -3.89 -0.52 21.52
C GLY A 224 -4.68 -1.51 22.41
N GLU A 225 -5.16 -2.61 21.85
CA GLU A 225 -5.87 -3.63 22.63
C GLU A 225 -4.90 -4.42 23.55
N VAL A 226 -5.42 -4.83 24.70
CA VAL A 226 -4.67 -5.59 25.70
C VAL A 226 -5.39 -6.88 26.05
N SER A 227 -4.64 -8.00 26.10
CA SER A 227 -5.23 -9.33 26.35
C SER A 227 -5.71 -9.48 27.80
N SER A 228 -6.49 -10.51 28.06
CA SER A 228 -6.71 -11.02 29.43
C SER A 228 -5.36 -11.26 30.10
N LYS A 229 -5.31 -11.04 31.43
CA LYS A 229 -4.11 -11.26 32.22
C LYS A 229 -3.96 -12.71 32.69
N GLU A 230 -2.74 -13.25 32.58
CA GLU A 230 -2.35 -14.50 33.28
C GLU A 230 -1.76 -14.12 34.62
N SER A 231 -2.02 -14.93 35.64
CA SER A 231 -1.74 -14.53 37.02
C SER A 231 -1.03 -15.67 37.77
N LEU A 232 -0.03 -15.31 38.59
CA LEU A 232 0.63 -16.20 39.56
C LEU A 232 0.56 -15.62 40.97
N THR A 233 0.14 -16.44 41.94
CA THR A 233 0.31 -16.08 43.37
C THR A 233 1.29 -17.07 44.01
N LEU A 234 2.28 -16.53 44.71
CA LEU A 234 3.37 -17.33 45.21
C LEU A 234 4.12 -16.62 46.33
N ARG A 235 4.84 -17.40 47.12
CA ARG A 235 5.59 -16.81 48.21
C ARG A 235 7.07 -16.99 47.94
N THR A 236 7.81 -15.90 48.17
CA THR A 236 9.28 -15.87 48.02
C THR A 236 9.97 -16.87 48.99
N ALA A 237 11.20 -17.30 48.65
CA ALA A 237 11.99 -18.24 49.48
C ALA A 237 12.18 -17.72 50.90
#